data_6ST3
#
_entry.id   6ST3
#
_cell.length_a   72.870
_cell.length_b   80.580
_cell.length_c   83.920
_cell.angle_alpha   90.000
_cell.angle_beta   90.000
_cell.angle_gamma   90.000
#
_symmetry.space_group_name_H-M   'P 21 2 21'
#
loop_
_entity.id
_entity.type
_entity.pdbx_description
1 polymer 'Egl nine homolog 1'
2 non-polymer 4-oxidanyl-~{N}-[(4-phenoxyphenyl)methyl]-2-pyrazol-1-yl-pyrimidine-5-carboxamide
3 non-polymer 'FORMIC ACID'
4 non-polymer 'MANGANESE (II) ION'
5 water water
#
_entity_poly.entity_id   1
_entity_poly.type   'polypeptide(L)'
_entity_poly.pdbx_seq_one_letter_code
;GSHMASPNGQTKPLPALKLALEYIVPCMNKHGICVVDDFLGKETGQQIGDEVRALHDTGKFTDGQLVSQKSDSSKDIRGD
KITWIEGKEPGCETIGLLMSSMDDLIRHCNGKLGSYKINGRTKAMVACYPGNGTGYVRHVDNPNGDGRCVTCIYYLNKDW
DAKVSGGILRIFPEGKAQFADIEPKFDRLLFFWSDRRNPHEVQPAYATRYAITVWYFDADERARAKVKYLTGE
;
_entity_poly.pdbx_strand_id   A,B
#
loop_
_chem_comp.id
_chem_comp.type
_chem_comp.name
_chem_comp.formula
FMT non-polymer 'FORMIC ACID' 'C H2 O2'
LUW non-polymer 4-oxidanyl-~{N}-[(4-phenoxyphenyl)methyl]-2-pyrazol-1-yl-pyrimidine-5-carboxamide 'C21 H17 N5 O3'
MN non-polymer 'MANGANESE (II) ION' 'Mn 2'
#
# COMPACT_ATOMS: atom_id res chain seq x y z
N PRO A 15 -27.56 8.80 13.62
CA PRO A 15 -26.56 9.87 13.82
C PRO A 15 -25.80 9.70 15.13
N ALA A 16 -24.72 10.48 15.26
CA ALA A 16 -23.76 10.28 16.33
C ALA A 16 -24.41 10.25 17.72
N LEU A 17 -25.29 11.20 18.02
CA LEU A 17 -25.88 11.22 19.36
C LEU A 17 -26.78 10.00 19.59
N LYS A 18 -27.64 9.68 18.61
CA LYS A 18 -28.50 8.51 18.77
C LYS A 18 -27.66 7.25 18.92
N LEU A 19 -26.64 7.10 18.06
CA LEU A 19 -25.77 5.94 18.11
C LEU A 19 -25.04 5.83 19.44
N ALA A 20 -24.58 6.95 19.98
CA ALA A 20 -23.86 6.94 21.26
C ALA A 20 -24.79 6.55 22.41
N LEU A 21 -25.91 7.27 22.56
CA LEU A 21 -26.76 7.06 23.73
C LEU A 21 -27.58 5.79 23.65
N GLU A 22 -27.99 5.36 22.45
CA GLU A 22 -28.84 4.18 22.36
C GLU A 22 -28.08 2.88 22.17
N TYR A 23 -26.81 2.92 21.76
CA TYR A 23 -26.06 1.68 21.63
C TYR A 23 -24.72 1.67 22.36
N ILE A 24 -23.82 2.61 22.04
CA ILE A 24 -22.46 2.52 22.56
C ILE A 24 -22.46 2.57 24.09
N VAL A 25 -23.18 3.51 24.67
CA VAL A 25 -23.19 3.64 26.13
C VAL A 25 -23.77 2.37 26.77
N PRO A 26 -25.00 1.96 26.44
CA PRO A 26 -25.55 0.75 27.08
C PRO A 26 -24.69 -0.48 26.83
N CYS A 27 -24.21 -0.64 25.60
CA CYS A 27 -23.43 -1.81 25.24
C CYS A 27 -22.10 -1.83 25.99
N MET A 28 -21.47 -0.67 26.17
CA MET A 28 -20.21 -0.61 26.89
C MET A 28 -20.39 -0.97 28.36
N ASN A 29 -21.46 -0.47 28.96
CA ASN A 29 -21.73 -0.70 30.39
C ASN A 29 -22.12 -2.16 30.60
N LYS A 30 -22.70 -2.82 29.61
CA LYS A 30 -23.14 -4.20 29.77
C LYS A 30 -22.02 -5.19 29.45
N HIS A 31 -21.38 -5.05 28.28
CA HIS A 31 -20.40 -6.02 27.82
C HIS A 31 -18.96 -5.53 27.84
N GLY A 32 -18.74 -4.22 27.78
CA GLY A 32 -17.38 -3.71 27.67
C GLY A 32 -16.76 -3.85 26.30
N ILE A 33 -17.51 -4.33 25.32
CA ILE A 33 -17.06 -4.51 23.95
C ILE A 33 -18.19 -4.06 23.03
N CYS A 34 -17.85 -3.22 22.05
CA CYS A 34 -18.85 -2.58 21.20
C CYS A 34 -18.38 -2.48 19.76
N VAL A 35 -19.23 -2.84 18.82
CA VAL A 35 -18.90 -2.80 17.40
C VAL A 35 -19.93 -1.95 16.67
N VAL A 36 -19.45 -1.08 15.79
CA VAL A 36 -20.28 -0.27 14.90
C VAL A 36 -19.87 -0.56 13.47
N ASP A 37 -20.78 -1.12 12.68
CA ASP A 37 -20.45 -1.42 11.29
C ASP A 37 -20.85 -0.28 10.36
N ASP A 38 -20.12 -0.17 9.25
CA ASP A 38 -20.35 0.89 8.25
C ASP A 38 -20.33 2.27 8.90
N PHE A 39 -19.26 2.51 9.67
CA PHE A 39 -19.16 3.73 10.46
C PHE A 39 -19.10 4.97 9.58
N LEU A 40 -18.31 4.93 8.49
CA LEU A 40 -18.11 6.11 7.68
C LEU A 40 -18.65 6.03 6.26
N GLY A 41 -18.95 4.84 5.76
CA GLY A 41 -19.39 4.70 4.39
C GLY A 41 -18.26 4.32 3.46
N LYS A 42 -18.64 3.83 2.27
CA LYS A 42 -17.66 3.25 1.36
C LYS A 42 -16.67 4.29 0.84
N GLU A 43 -17.16 5.47 0.45
CA GLU A 43 -16.27 6.46 -0.16
C GLU A 43 -15.18 6.87 0.81
N THR A 44 -15.57 7.27 2.02
CA THR A 44 -14.60 7.66 3.03
C THR A 44 -13.73 6.49 3.45
N GLY A 45 -14.31 5.29 3.55
CA GLY A 45 -13.52 4.12 3.92
C GLY A 45 -12.40 3.84 2.94
N GLN A 46 -12.72 3.81 1.64
CA GLN A 46 -11.69 3.58 0.63
C GLN A 46 -10.68 4.71 0.59
N GLN A 47 -11.11 5.94 0.87
CA GLN A 47 -10.14 7.04 0.94
C GLN A 47 -9.17 6.85 2.10
N ILE A 48 -9.67 6.41 3.26
CA ILE A 48 -8.78 6.14 4.38
C ILE A 48 -7.81 5.02 4.01
N GLY A 49 -8.32 4.01 3.30
CA GLY A 49 -7.46 2.95 2.83
C GLY A 49 -6.36 3.45 1.91
N ASP A 50 -6.70 4.38 1.01
CA ASP A 50 -5.72 4.93 0.10
C ASP A 50 -4.63 5.69 0.86
N GLU A 51 -5.02 6.47 1.86
CA GLU A 51 -4.02 7.18 2.66
C GLU A 51 -3.11 6.21 3.41
N VAL A 52 -3.68 5.17 4.01
CA VAL A 52 -2.88 4.20 4.75
C VAL A 52 -1.95 3.45 3.82
N ARG A 53 -2.43 3.08 2.63
CA ARG A 53 -1.58 2.40 1.67
C ARG A 53 -0.45 3.30 1.20
N ALA A 54 -0.71 4.60 1.06
CA ALA A 54 0.34 5.52 0.70
C ALA A 54 1.40 5.57 1.79
N LEU A 55 0.97 5.60 3.05
CA LEU A 55 1.94 5.54 4.14
C LEU A 55 2.80 4.29 4.06
N HIS A 56 2.16 3.14 3.79
CA HIS A 56 2.89 1.88 3.69
C HIS A 56 3.85 1.87 2.50
N ASP A 57 3.42 2.41 1.35
CA ASP A 57 4.22 2.34 0.15
C ASP A 57 5.47 3.19 0.23
N THR A 58 5.46 4.25 1.04
CA THR A 58 6.58 5.18 1.13
C THR A 58 7.40 4.94 2.39
N GLY A 59 7.29 3.74 2.97
CA GLY A 59 8.04 3.35 4.15
C GLY A 59 7.89 4.25 5.36
N LYS A 60 6.67 4.67 5.66
CA LYS A 60 6.42 5.51 6.83
C LYS A 60 6.19 4.73 8.12
N PHE A 61 6.03 3.40 8.04
CA PHE A 61 5.79 2.61 9.25
C PHE A 61 7.12 2.31 9.98
N THR A 62 7.79 3.38 10.39
CA THR A 62 9.10 3.30 11.05
C THR A 62 9.10 4.06 12.37
N ASP A 63 8.35 3.57 13.34
CA ASP A 63 8.30 4.15 14.68
C ASP A 63 8.82 3.10 15.65
N GLY A 64 9.84 3.47 16.43
CA GLY A 64 10.55 2.49 17.21
C GLY A 64 11.75 1.93 16.50
N GLN A 65 11.87 2.17 15.20
CA GLN A 65 12.94 1.59 14.41
C GLN A 65 14.32 2.08 14.79
N LEU A 66 14.45 3.19 15.51
CA LEU A 66 15.75 3.71 15.90
C LEU A 66 16.10 3.43 17.36
N VAL A 67 15.22 2.80 18.12
CA VAL A 67 15.41 2.59 19.55
C VAL A 67 15.67 1.12 19.83
N SER A 68 16.60 0.84 20.74
CA SER A 68 16.91 -0.53 21.12
C SER A 68 15.84 -1.09 22.06
N GLN A 69 15.71 -2.41 22.06
CA GLN A 69 14.76 -3.10 22.92
C GLN A 69 14.81 -2.58 24.35
N ILE A 77 8.94 -8.11 21.20
CA ILE A 77 9.31 -7.63 19.87
C ILE A 77 8.12 -7.83 18.94
N ARG A 78 7.37 -6.75 18.73
CA ARG A 78 6.30 -6.69 17.75
C ARG A 78 6.72 -7.31 16.41
N GLY A 79 5.77 -7.92 15.69
CA GLY A 79 6.03 -8.33 14.32
C GLY A 79 5.35 -7.42 13.31
N ASP A 80 4.48 -6.53 13.76
CA ASP A 80 3.82 -5.56 12.90
C ASP A 80 4.65 -4.27 12.80
N LYS A 81 4.22 -3.38 11.93
CA LYS A 81 4.82 -2.08 11.75
C LYS A 81 3.80 -0.99 12.04
N ILE A 82 4.23 0.10 12.69
CA ILE A 82 3.30 1.16 13.09
C ILE A 82 3.86 2.54 12.80
N THR A 83 2.93 3.50 12.72
CA THR A 83 3.27 4.93 12.67
C THR A 83 2.15 5.72 13.36
N TRP A 84 2.50 6.86 13.93
CA TRP A 84 1.56 7.68 14.68
C TRP A 84 1.15 8.89 13.84
N ILE A 85 -0.16 9.08 13.70
CA ILE A 85 -0.74 10.10 12.83
C ILE A 85 -1.50 11.08 13.70
N GLU A 86 -1.15 12.37 13.58
CA GLU A 86 -1.87 13.43 14.27
C GLU A 86 -3.22 13.71 13.61
N GLY A 87 -3.30 13.50 12.30
CA GLY A 87 -4.53 13.69 11.56
C GLY A 87 -4.55 14.92 10.68
N LYS A 88 -3.61 15.85 10.85
CA LYS A 88 -3.53 17.07 10.06
C LYS A 88 -2.34 17.08 9.12
N GLU A 89 -1.60 16.00 9.02
CA GLU A 89 -0.48 15.94 8.12
C GLU A 89 -0.99 15.89 6.69
N PRO A 90 -0.23 16.40 5.72
CA PRO A 90 -0.67 16.28 4.33
C PRO A 90 -0.71 14.82 3.89
N GLY A 91 -1.79 14.48 3.20
CA GLY A 91 -2.07 13.11 2.83
C GLY A 91 -2.76 12.28 3.89
N CYS A 92 -2.93 12.83 5.09
CA CYS A 92 -3.56 12.11 6.19
C CYS A 92 -4.87 12.77 6.62
N GLU A 93 -5.48 13.59 5.76
CA GLU A 93 -6.64 14.37 6.18
C GLU A 93 -7.85 13.48 6.49
N THR A 94 -8.11 12.48 5.64
CA THR A 94 -9.26 11.62 5.89
C THR A 94 -9.08 10.82 7.19
N ILE A 95 -7.83 10.49 7.53
CA ILE A 95 -7.56 9.88 8.83
C ILE A 95 -7.91 10.86 9.94
N GLY A 96 -7.57 12.14 9.76
CA GLY A 96 -7.98 13.14 10.73
C GLY A 96 -9.50 13.24 10.85
N LEU A 97 -10.19 13.08 9.72
CA LEU A 97 -11.64 13.07 9.73
C LEU A 97 -12.19 11.88 10.51
N LEU A 98 -11.59 10.71 10.33
CA LEU A 98 -11.97 9.56 11.14
C LEU A 98 -11.79 9.87 12.61
N MET A 99 -10.66 10.47 12.97
CA MET A 99 -10.39 10.80 14.37
C MET A 99 -11.43 11.78 14.91
N SER A 100 -11.84 12.74 14.09
CA SER A 100 -12.90 13.66 14.48
C SER A 100 -14.21 12.91 14.77
N SER A 101 -14.58 11.97 13.91
CA SER A 101 -15.83 11.23 14.11
C SER A 101 -15.76 10.37 15.37
N MET A 102 -14.62 9.72 15.62
CA MET A 102 -14.44 9.01 16.87
C MET A 102 -14.70 9.95 18.04
N ASP A 103 -14.11 11.14 17.98
CA ASP A 103 -14.28 12.13 19.02
C ASP A 103 -15.75 12.53 19.18
N ASP A 104 -16.47 12.71 18.08
CA ASP A 104 -17.87 13.08 18.16
C ASP A 104 -18.64 12.05 18.98
N LEU A 105 -18.40 10.77 18.69
CA LEU A 105 -19.07 9.70 19.42
C LEU A 105 -18.72 9.73 20.91
N ILE A 106 -17.43 9.75 21.22
CA ILE A 106 -17.01 9.74 22.62
C ILE A 106 -17.54 10.98 23.34
N ARG A 107 -17.57 12.12 22.65
CA ARG A 107 -18.10 13.35 23.23
C ARG A 107 -19.58 13.21 23.54
N HIS A 108 -20.35 12.61 22.62
CA HIS A 108 -21.76 12.40 22.86
C HIS A 108 -22.01 11.39 23.96
N CYS A 109 -21.02 10.57 24.29
CA CYS A 109 -21.14 9.66 25.43
C CYS A 109 -20.82 10.34 26.77
N ASN A 110 -20.57 11.64 26.78
CA ASN A 110 -19.95 12.31 27.90
C ASN A 110 -20.56 11.93 29.24
N GLY A 111 -19.72 11.34 30.10
CA GLY A 111 -20.05 11.03 31.46
C GLY A 111 -20.80 9.74 31.69
N LYS A 112 -21.35 9.13 30.65
CA LYS A 112 -22.20 7.95 30.81
C LYS A 112 -21.43 6.67 30.54
N LEU A 113 -20.13 6.74 30.21
CA LEU A 113 -19.31 5.56 29.99
C LEU A 113 -18.72 5.15 31.34
N GLY A 114 -19.37 4.20 32.00
CA GLY A 114 -18.92 3.80 33.31
C GLY A 114 -18.75 5.00 34.21
N SER A 115 -17.67 4.98 34.98
CA SER A 115 -17.32 6.07 35.88
C SER A 115 -16.24 6.99 35.33
N TYR A 116 -15.92 6.87 34.04
CA TYR A 116 -14.84 7.65 33.45
C TYR A 116 -15.33 9.03 33.03
N LYS A 117 -14.44 10.00 33.15
CA LYS A 117 -14.63 11.35 32.61
C LYS A 117 -13.50 11.55 31.59
N ILE A 118 -13.83 11.37 30.31
CA ILE A 118 -12.82 11.34 29.25
C ILE A 118 -12.46 12.78 28.83
N ASN A 119 -11.19 13.14 29.01
CA ASN A 119 -10.71 14.48 28.71
C ASN A 119 -9.62 14.56 27.63
N GLY A 120 -9.20 13.44 27.05
CA GLY A 120 -8.16 13.53 26.05
C GLY A 120 -8.01 12.22 25.31
N ARG A 121 -7.08 12.20 24.36
CA ARG A 121 -6.82 10.97 23.62
C ARG A 121 -5.41 10.99 23.04
N THR A 122 -4.96 9.81 22.61
CA THR A 122 -3.70 9.69 21.91
C THR A 122 -3.88 10.09 20.44
N LYS A 123 -2.77 10.18 19.72
CA LYS A 123 -2.83 10.26 18.27
C LYS A 123 -3.25 8.88 17.73
N ALA A 124 -3.48 8.81 16.42
CA ALA A 124 -3.90 7.54 15.82
C ALA A 124 -2.69 6.65 15.59
N MET A 125 -2.76 5.41 16.08
CA MET A 125 -1.73 4.43 15.80
C MET A 125 -2.17 3.62 14.59
N VAL A 126 -1.41 3.73 13.49
CA VAL A 126 -1.71 2.99 12.27
C VAL A 126 -0.78 1.77 12.27
N ALA A 127 -1.38 0.59 12.20
CA ALA A 127 -0.68 -0.69 12.30
C ALA A 127 -0.87 -1.48 11.01
N CYS A 128 0.23 -2.07 10.54
CA CYS A 128 0.27 -2.90 9.35
C CYS A 128 0.75 -4.29 9.73
N TYR A 129 -0.05 -5.31 9.43
CA TYR A 129 0.32 -6.71 9.62
C TYR A 129 0.65 -7.35 8.29
N PRO A 130 1.88 -7.83 8.11
CA PRO A 130 2.36 -8.19 6.76
C PRO A 130 1.62 -9.28 6.00
N GLY A 131 1.00 -10.25 6.65
CA GLY A 131 0.34 -11.30 5.93
C GLY A 131 1.15 -12.57 5.74
N ASN A 132 2.20 -12.75 6.52
CA ASN A 132 3.01 -13.96 6.52
C ASN A 132 2.76 -14.74 7.81
N GLY A 133 1.53 -14.69 8.27
CA GLY A 133 1.15 -15.29 9.52
C GLY A 133 1.40 -14.47 10.75
N THR A 134 1.74 -13.20 10.60
CA THR A 134 2.02 -12.39 11.78
C THR A 134 0.72 -11.97 12.43
N GLY A 135 0.73 -11.95 13.76
CA GLY A 135 -0.43 -11.58 14.54
C GLY A 135 0.10 -10.77 15.70
N TYR A 136 -0.64 -10.71 16.80
CA TYR A 136 -0.18 -9.98 17.97
C TYR A 136 -0.46 -10.82 19.21
N VAL A 137 0.57 -10.97 20.05
CA VAL A 137 0.44 -11.84 21.19
C VAL A 137 -0.60 -11.28 22.15
N ARG A 138 -1.18 -12.17 22.94
CA ARG A 138 -2.17 -11.80 23.93
C ARG A 138 -1.59 -10.76 24.88
N HIS A 139 -2.38 -9.75 25.17
CA HIS A 139 -1.91 -8.65 26.01
C HIS A 139 -3.09 -7.90 26.58
N VAL A 140 -2.79 -7.00 27.52
CA VAL A 140 -3.73 -6.01 28.02
C VAL A 140 -3.20 -4.63 27.65
N ASP A 141 -4.05 -3.79 27.05
CA ASP A 141 -3.57 -2.50 26.57
C ASP A 141 -3.02 -1.65 27.71
N ASN A 142 -3.81 -1.46 28.77
CA ASN A 142 -3.44 -0.63 29.90
C ASN A 142 -3.58 -1.43 31.19
N PRO A 143 -2.56 -2.20 31.57
CA PRO A 143 -2.69 -3.00 32.80
C PRO A 143 -2.24 -2.32 34.08
N ASN A 144 -1.51 -1.22 33.99
CA ASN A 144 -0.94 -0.58 35.18
C ASN A 144 -1.46 0.84 35.37
N GLY A 145 -2.71 1.07 34.99
CA GLY A 145 -3.35 2.35 35.19
C GLY A 145 -2.57 3.53 34.66
N ASP A 146 -2.21 3.50 33.38
CA ASP A 146 -1.46 4.59 32.78
C ASP A 146 -2.37 5.71 32.28
N GLY A 147 -3.68 5.60 32.51
CA GLY A 147 -4.63 6.65 32.16
C GLY A 147 -5.55 6.33 31.00
N ARG A 148 -5.26 5.29 30.23
CA ARG A 148 -6.07 4.95 29.06
C ARG A 148 -7.28 4.11 29.49
N CYS A 149 -8.48 4.62 29.21
CA CYS A 149 -9.70 3.93 29.62
C CYS A 149 -10.44 3.24 28.47
N VAL A 150 -10.48 3.82 27.28
CA VAL A 150 -11.23 3.27 26.17
C VAL A 150 -10.32 3.10 24.96
N THR A 151 -10.40 1.93 24.32
CA THR A 151 -9.64 1.60 23.13
C THR A 151 -10.58 1.64 21.94
N CYS A 152 -10.19 2.39 20.91
CA CYS A 152 -11.00 2.59 19.71
C CYS A 152 -10.17 2.17 18.51
N ILE A 153 -10.69 1.21 17.74
CA ILE A 153 -10.00 0.66 16.58
C ILE A 153 -10.91 0.79 15.36
N TYR A 154 -10.33 1.24 14.25
CA TYR A 154 -11.01 1.31 12.95
C TYR A 154 -10.30 0.39 11.97
N TYR A 155 -11.09 -0.38 11.22
CA TYR A 155 -10.57 -1.36 10.28
C TYR A 155 -10.92 -0.93 8.87
N LEU A 156 -9.95 -1.03 7.95
CA LEU A 156 -10.12 -0.50 6.60
C LEU A 156 -9.80 -1.55 5.53
N ASN A 157 -10.00 -2.82 5.83
CA ASN A 157 -9.59 -3.91 4.95
C ASN A 157 -10.73 -4.35 4.06
N LYS A 158 -10.68 -3.92 2.79
CA LYS A 158 -11.76 -4.19 1.85
C LYS A 158 -11.94 -5.69 1.62
N ASP A 159 -13.21 -6.14 1.71
CA ASP A 159 -13.58 -7.52 1.43
C ASP A 159 -12.75 -8.52 2.23
N TRP A 160 -12.64 -8.28 3.53
CA TRP A 160 -11.85 -9.19 4.36
C TRP A 160 -12.66 -10.44 4.63
N ASP A 161 -12.09 -11.58 4.23
CA ASP A 161 -12.65 -12.91 4.42
C ASP A 161 -11.76 -13.60 5.45
N ALA A 162 -12.21 -13.62 6.71
CA ALA A 162 -11.37 -14.13 7.78
C ALA A 162 -11.10 -15.62 7.62
N LYS A 163 -12.00 -16.36 6.96
CA LYS A 163 -11.79 -17.80 6.79
C LYS A 163 -10.49 -18.09 6.03
N VAL A 164 -10.07 -17.20 5.15
CA VAL A 164 -8.84 -17.35 4.40
C VAL A 164 -7.73 -16.45 4.92
N SER A 165 -8.04 -15.17 5.21
CA SER A 165 -7.02 -14.19 5.52
C SER A 165 -6.75 -14.04 7.00
N GLY A 166 -7.56 -14.66 7.86
CA GLY A 166 -7.32 -14.62 9.29
C GLY A 166 -7.43 -13.22 9.88
N GLY A 167 -6.51 -12.92 10.79
CA GLY A 167 -6.43 -11.61 11.41
C GLY A 167 -7.57 -11.26 12.33
N ILE A 168 -8.27 -12.27 12.89
CA ILE A 168 -9.34 -11.99 13.82
C ILE A 168 -8.76 -11.49 15.14
N LEU A 169 -9.38 -10.47 15.70
CA LEU A 169 -9.04 -10.00 17.04
C LEU A 169 -9.87 -10.78 18.06
N ARG A 170 -9.22 -11.56 18.90
CA ARG A 170 -9.94 -12.31 19.92
C ARG A 170 -9.75 -11.64 21.28
N ILE A 171 -10.87 -11.28 21.89
CA ILE A 171 -10.92 -10.63 23.20
C ILE A 171 -11.49 -11.62 24.20
N PHE A 172 -10.90 -11.68 25.39
CA PHE A 172 -11.38 -12.55 26.47
C PHE A 172 -11.95 -11.70 27.60
N PRO A 173 -13.20 -11.27 27.49
CA PRO A 173 -13.73 -10.37 28.53
C PRO A 173 -13.80 -11.07 29.88
N GLU A 174 -13.32 -10.37 30.91
CA GLU A 174 -13.49 -10.82 32.28
C GLU A 174 -14.98 -10.80 32.60
N GLY A 175 -15.46 -11.82 33.28
CA GLY A 175 -16.85 -12.00 33.61
C GLY A 175 -17.72 -12.45 32.47
N LYS A 176 -17.13 -13.12 31.48
CA LYS A 176 -17.87 -13.84 30.46
C LYS A 176 -17.24 -15.22 30.31
N ALA A 177 -18.07 -16.20 29.97
CA ALA A 177 -17.60 -17.57 29.77
C ALA A 177 -16.91 -17.70 28.41
N GLN A 178 -17.48 -17.05 27.40
CA GLN A 178 -17.06 -17.16 26.02
C GLN A 178 -16.10 -16.02 25.70
N PHE A 179 -15.37 -16.18 24.62
CA PHE A 179 -14.55 -15.11 24.08
C PHE A 179 -15.26 -14.42 22.92
N ALA A 180 -14.78 -13.23 22.56
CA ALA A 180 -15.37 -12.42 21.51
C ALA A 180 -14.40 -12.32 20.33
N ASP A 181 -14.83 -12.82 19.17
CA ASP A 181 -14.03 -12.79 17.94
C ASP A 181 -14.48 -11.63 17.06
N ILE A 182 -13.54 -10.74 16.72
CA ILE A 182 -13.85 -9.54 15.95
C ILE A 182 -13.12 -9.63 14.62
N GLU A 183 -13.85 -9.83 13.53
CA GLU A 183 -13.23 -9.75 12.21
C GLU A 183 -12.84 -8.31 11.90
N PRO A 184 -11.67 -8.08 11.30
CA PRO A 184 -11.31 -6.70 10.96
C PRO A 184 -11.94 -6.25 9.64
N LYS A 185 -13.28 -6.27 9.62
CA LYS A 185 -14.03 -5.97 8.42
C LYS A 185 -13.90 -4.49 8.06
N PHE A 186 -14.10 -4.22 6.77
CA PHE A 186 -13.99 -2.85 6.24
C PHE A 186 -15.02 -1.93 6.89
N ASP A 187 -14.56 -0.74 7.27
CA ASP A 187 -15.42 0.32 7.81
C ASP A 187 -16.06 -0.10 9.13
N ARG A 188 -15.35 -0.90 9.91
CA ARG A 188 -15.82 -1.34 11.22
C ARG A 188 -15.11 -0.59 12.32
N LEU A 189 -15.88 -0.12 13.30
CA LEU A 189 -15.36 0.56 14.49
C LEU A 189 -15.57 -0.30 15.72
N LEU A 190 -14.54 -0.39 16.57
CA LEU A 190 -14.54 -1.24 17.74
C LEU A 190 -14.15 -0.41 18.94
N PHE A 191 -14.89 -0.60 20.03
CA PHE A 191 -14.65 0.06 21.31
C PHE A 191 -14.50 -1.02 22.39
N PHE A 192 -13.53 -0.85 23.29
CA PHE A 192 -13.52 -1.75 24.44
C PHE A 192 -12.71 -1.14 25.57
N TRP A 193 -13.09 -1.47 26.81
CA TRP A 193 -12.32 -1.01 27.96
C TRP A 193 -10.86 -1.44 27.82
N SER A 194 -9.95 -0.51 28.08
CA SER A 194 -8.52 -0.74 27.86
C SER A 194 -7.84 -1.48 28.99
N ASP A 195 -8.52 -1.69 30.11
CA ASP A 195 -7.89 -2.21 31.31
C ASP A 195 -7.93 -3.74 31.31
N ARG A 196 -7.65 -4.36 32.47
CA ARG A 196 -7.53 -5.81 32.58
C ARG A 196 -8.80 -6.55 32.21
N ARG A 197 -9.92 -5.85 32.09
CA ARG A 197 -11.17 -6.51 31.73
C ARG A 197 -11.12 -7.17 30.37
N ASN A 198 -10.33 -6.64 29.44
CA ASN A 198 -10.35 -7.10 28.05
C ASN A 198 -8.95 -7.46 27.55
N PRO A 199 -8.40 -8.58 28.01
CA PRO A 199 -7.18 -9.09 27.35
C PRO A 199 -7.51 -9.48 25.91
N HIS A 200 -6.56 -9.27 25.00
CA HIS A 200 -6.85 -9.56 23.61
C HIS A 200 -5.58 -9.93 22.84
N GLU A 201 -5.80 -10.59 21.72
CA GLU A 201 -4.74 -11.04 20.82
C GLU A 201 -5.23 -10.95 19.39
N VAL A 202 -4.28 -10.82 18.46
CA VAL A 202 -4.58 -10.83 17.03
C VAL A 202 -4.11 -12.15 16.45
N GLN A 203 -5.04 -12.86 15.80
CA GLN A 203 -4.72 -14.13 15.19
C GLN A 203 -3.93 -13.94 13.90
N PRO A 204 -3.20 -14.96 13.47
CA PRO A 204 -2.31 -14.79 12.32
C PRO A 204 -3.02 -14.21 11.11
N ALA A 205 -2.33 -13.30 10.43
CA ALA A 205 -2.85 -12.61 9.25
C ALA A 205 -2.18 -13.19 8.01
N TYR A 206 -2.99 -13.56 7.02
CA TYR A 206 -2.50 -14.14 5.77
C TYR A 206 -2.69 -13.21 4.58
N ALA A 207 -3.14 -11.99 4.83
CA ALA A 207 -3.16 -10.92 3.84
C ALA A 207 -2.77 -9.65 4.57
N THR A 208 -2.34 -8.63 3.84
CA THR A 208 -1.98 -7.38 4.50
C THR A 208 -3.18 -6.86 5.27
N ARG A 209 -3.00 -6.62 6.57
CA ARG A 209 -4.08 -6.23 7.48
C ARG A 209 -3.75 -4.88 8.09
N TYR A 210 -4.69 -3.93 8.00
CA TYR A 210 -4.46 -2.59 8.51
C TYR A 210 -5.45 -2.27 9.64
N ALA A 211 -4.97 -1.55 10.64
CA ALA A 211 -5.83 -1.12 11.75
C ALA A 211 -5.42 0.26 12.25
N ILE A 212 -6.39 1.07 12.66
CA ILE A 212 -6.10 2.36 13.24
C ILE A 212 -6.71 2.39 14.65
N THR A 213 -5.87 2.65 15.64
CA THR A 213 -6.26 2.55 17.04
C THR A 213 -6.06 3.90 17.72
N VAL A 214 -7.05 4.33 18.49
CA VAL A 214 -6.97 5.56 19.27
C VAL A 214 -7.37 5.21 20.69
N TRP A 215 -6.65 5.76 21.65
CA TRP A 215 -6.92 5.51 23.06
C TRP A 215 -7.38 6.79 23.75
N TYR A 216 -8.50 6.72 24.46
CA TYR A 216 -9.03 7.84 25.21
C TYR A 216 -8.60 7.77 26.67
N PHE A 217 -8.41 8.95 27.26
CA PHE A 217 -7.85 9.10 28.60
C PHE A 217 -8.95 9.42 29.61
N ASP A 218 -8.89 8.76 30.77
CA ASP A 218 -9.67 9.16 31.93
C ASP A 218 -8.88 10.20 32.72
N ALA A 219 -9.54 11.31 33.04
CA ALA A 219 -8.84 12.45 33.63
C ALA A 219 -8.17 12.09 34.95
N ASP A 220 -8.94 11.57 35.91
CA ASP A 220 -8.39 11.33 37.24
C ASP A 220 -7.35 10.20 37.23
N GLU A 221 -7.59 9.14 36.44
CA GLU A 221 -6.60 8.06 36.40
C GLU A 221 -5.29 8.58 35.82
N ARG A 222 -5.37 9.44 34.79
CA ARG A 222 -4.16 10.04 34.23
C ARG A 222 -3.48 10.94 35.24
N ALA A 223 -4.26 11.68 36.04
CA ALA A 223 -3.68 12.50 37.09
C ALA A 223 -2.95 11.64 38.11
N ARG A 224 -3.57 10.53 38.52
CA ARG A 224 -2.92 9.61 39.45
C ARG A 224 -1.62 9.09 38.85
N ALA A 225 -1.64 8.75 37.55
CA ALA A 225 -0.44 8.26 36.88
C ALA A 225 0.66 9.32 36.88
N LYS A 226 0.29 10.57 36.56
CA LYS A 226 1.25 11.67 36.60
C LYS A 226 1.85 11.80 38.00
N VAL A 227 1.00 11.73 39.03
CA VAL A 227 1.47 11.85 40.41
C VAL A 227 2.44 10.73 40.74
N LYS A 228 2.16 9.51 40.27
CA LYS A 228 3.08 8.40 40.50
C LYS A 228 4.42 8.65 39.81
N TYR A 229 4.39 9.22 38.60
CA TYR A 229 5.63 9.49 37.89
C TYR A 229 6.46 10.53 38.64
N LEU A 230 5.81 11.54 39.20
CA LEU A 230 6.45 12.62 39.93
C LEU A 230 6.76 12.22 41.38
N THR A 231 6.18 11.12 41.86
CA THR A 231 6.40 10.63 43.22
C THR A 231 7.25 9.35 43.22
N LEU B 14 0.72 17.94 -10.37
CA LEU B 14 1.81 17.50 -9.51
C LEU B 14 3.12 17.66 -10.28
N PRO B 15 4.10 18.39 -9.76
CA PRO B 15 5.36 18.51 -10.48
C PRO B 15 6.19 17.24 -10.35
N ALA B 16 7.03 17.04 -11.35
CA ALA B 16 7.82 15.82 -11.41
C ALA B 16 8.66 15.63 -10.15
N LEU B 17 9.29 16.71 -9.67
CA LEU B 17 10.16 16.60 -8.51
C LEU B 17 9.36 16.21 -7.26
N LYS B 18 8.15 16.74 -7.11
CA LYS B 18 7.32 16.36 -5.96
C LYS B 18 7.01 14.87 -5.99
N LEU B 19 6.55 14.36 -7.14
CA LEU B 19 6.23 12.94 -7.24
C LEU B 19 7.47 12.07 -7.05
N ALA B 20 8.62 12.52 -7.55
CA ALA B 20 9.86 11.78 -7.37
C ALA B 20 10.26 11.71 -5.91
N LEU B 21 10.36 12.87 -5.26
CA LEU B 21 10.95 12.91 -3.93
C LEU B 21 9.99 12.38 -2.88
N GLU B 22 8.70 12.60 -3.05
CA GLU B 22 7.72 12.21 -2.02
C GLU B 22 7.14 10.83 -2.23
N TYR B 23 7.24 10.26 -3.44
CA TYR B 23 6.67 8.93 -3.64
C TYR B 23 7.66 7.97 -4.29
N ILE B 24 8.18 8.30 -5.47
CA ILE B 24 8.97 7.32 -6.22
C ILE B 24 10.20 6.88 -5.41
N VAL B 25 10.96 7.84 -4.91
CA VAL B 25 12.21 7.52 -4.22
C VAL B 25 11.94 6.73 -2.94
N PRO B 26 11.13 7.24 -2.01
CA PRO B 26 10.87 6.48 -0.77
C PRO B 26 10.30 5.10 -1.05
N CYS B 27 9.37 5.01 -2.01
CA CYS B 27 8.74 3.74 -2.33
C CYS B 27 9.73 2.76 -2.96
N MET B 28 10.58 3.25 -3.86
CA MET B 28 11.54 2.37 -4.51
C MET B 28 12.57 1.88 -3.51
N ASN B 29 13.07 2.77 -2.65
CA ASN B 29 14.09 2.33 -1.69
C ASN B 29 13.48 1.41 -0.63
N LYS B 30 12.17 1.51 -0.35
CA LYS B 30 11.60 0.61 0.64
C LYS B 30 11.25 -0.76 0.05
N HIS B 31 10.49 -0.78 -1.05
CA HIS B 31 9.93 -2.02 -1.61
C HIS B 31 10.56 -2.44 -2.93
N GLY B 32 11.20 -1.54 -3.66
CA GLY B 32 11.71 -1.88 -4.97
C GLY B 32 10.67 -1.96 -6.06
N ILE B 33 9.40 -1.66 -5.76
CA ILE B 33 8.31 -1.70 -6.71
C ILE B 33 7.43 -0.48 -6.45
N CYS B 34 7.09 0.25 -7.49
CA CYS B 34 6.37 1.51 -7.34
C CYS B 34 5.35 1.65 -8.46
N VAL B 35 4.11 1.98 -8.11
CA VAL B 35 3.05 2.14 -9.08
C VAL B 35 2.49 3.55 -8.96
N VAL B 36 2.33 4.21 -10.11
CA VAL B 36 1.71 5.52 -10.22
C VAL B 36 0.53 5.36 -11.17
N ASP B 37 -0.68 5.53 -10.66
CA ASP B 37 -1.89 5.41 -11.45
C ASP B 37 -2.29 6.77 -11.97
N ASP B 38 -3.02 6.78 -13.09
CA ASP B 38 -3.48 8.01 -13.74
C ASP B 38 -2.29 8.93 -14.01
N PHE B 39 -1.25 8.36 -14.62
CA PHE B 39 0.00 9.08 -14.80
C PHE B 39 -0.18 10.27 -15.74
N LEU B 40 -0.81 10.05 -16.90
CA LEU B 40 -0.89 11.08 -17.93
C LEU B 40 -2.29 11.60 -18.20
N GLY B 41 -3.32 10.90 -17.75
CA GLY B 41 -4.69 11.31 -17.99
C GLY B 41 -5.29 10.57 -19.17
N LYS B 42 -6.62 10.58 -19.22
CA LYS B 42 -7.34 9.76 -20.20
C LYS B 42 -7.06 10.21 -21.62
N GLU B 43 -7.02 11.52 -21.87
CA GLU B 43 -6.83 11.99 -23.25
C GLU B 43 -5.49 11.50 -23.80
N THR B 44 -4.41 11.80 -23.08
CA THR B 44 -3.09 11.39 -23.52
C THR B 44 -2.96 9.87 -23.51
N GLY B 45 -3.56 9.20 -22.53
CA GLY B 45 -3.53 7.74 -22.50
C GLY B 45 -4.17 7.12 -23.72
N GLN B 46 -5.37 7.59 -24.07
CA GLN B 46 -6.05 7.08 -25.25
C GLN B 46 -5.28 7.41 -26.52
N GLN B 47 -4.60 8.55 -26.55
CA GLN B 47 -3.79 8.91 -27.71
C GLN B 47 -2.61 7.96 -27.87
N ILE B 48 -1.96 7.62 -26.75
CA ILE B 48 -0.87 6.64 -26.77
C ILE B 48 -1.40 5.29 -27.23
N GLY B 49 -2.60 4.91 -26.76
CA GLY B 49 -3.20 3.67 -27.22
C GLY B 49 -3.46 3.66 -28.71
N ASP B 50 -3.91 4.80 -29.26
CA ASP B 50 -4.14 4.89 -30.70
C ASP B 50 -2.83 4.72 -31.47
N GLU B 51 -1.75 5.34 -31.00
CA GLU B 51 -0.47 5.21 -31.71
C GLU B 51 0.03 3.77 -31.66
N VAL B 52 -0.07 3.13 -30.50
CA VAL B 52 0.37 1.74 -30.37
C VAL B 52 -0.47 0.82 -31.24
N ARG B 53 -1.79 1.04 -31.26
CA ARG B 53 -2.65 0.21 -32.10
C ARG B 53 -2.33 0.42 -33.56
N ALA B 54 -2.00 1.66 -33.96
CA ALA B 54 -1.61 1.91 -35.34
C ALA B 54 -0.34 1.15 -35.69
N LEU B 55 0.63 1.15 -34.78
CA LEU B 55 1.84 0.35 -34.99
C LEU B 55 1.52 -1.13 -35.19
N HIS B 56 0.65 -1.68 -34.34
CA HIS B 56 0.32 -3.10 -34.47
C HIS B 56 -0.38 -3.37 -35.80
N ASP B 57 -1.27 -2.46 -36.21
CA ASP B 57 -2.04 -2.61 -37.43
C ASP B 57 -1.20 -2.49 -38.69
N THR B 58 -0.01 -1.89 -38.60
CA THR B 58 0.87 -1.74 -39.77
C THR B 58 2.06 -2.68 -39.72
N GLY B 59 1.96 -3.76 -38.94
CA GLY B 59 2.99 -4.77 -38.85
C GLY B 59 4.38 -4.30 -38.48
N LYS B 60 4.50 -3.41 -37.51
CA LYS B 60 5.81 -2.95 -37.06
C LYS B 60 6.42 -3.88 -36.01
N PHE B 61 5.62 -4.78 -35.46
CA PHE B 61 6.06 -5.70 -34.41
C PHE B 61 6.75 -6.91 -35.01
N THR B 62 7.74 -7.41 -34.29
CA THR B 62 8.56 -8.55 -34.69
C THR B 62 8.43 -9.61 -33.61
N ASP B 63 8.86 -10.83 -33.90
CA ASP B 63 8.64 -11.94 -32.99
C ASP B 63 9.45 -11.75 -31.70
N GLY B 64 8.76 -11.77 -30.57
CA GLY B 64 9.46 -11.51 -29.33
C GLY B 64 10.49 -12.58 -29.03
N GLN B 65 10.25 -13.81 -29.50
CA GLN B 65 11.16 -14.94 -29.29
C GLN B 65 12.42 -14.76 -30.13
N ASP B 76 13.17 -18.13 -21.15
CA ASP B 76 13.21 -17.40 -22.40
C ASP B 76 12.02 -17.73 -23.29
N ILE B 77 10.84 -17.83 -22.71
CA ILE B 77 9.63 -18.26 -23.41
C ILE B 77 8.63 -17.11 -23.35
N ARG B 78 8.44 -16.43 -24.49
CA ARG B 78 7.64 -15.22 -24.55
C ARG B 78 6.74 -15.28 -25.77
N GLY B 79 5.43 -15.12 -25.55
CA GLY B 79 4.47 -15.11 -26.64
C GLY B 79 4.17 -13.73 -27.20
N ASP B 80 4.91 -12.72 -26.78
CA ASP B 80 4.61 -11.37 -27.21
C ASP B 80 5.26 -11.06 -28.56
N LYS B 81 4.83 -9.94 -29.13
CA LYS B 81 5.37 -9.35 -30.34
C LYS B 81 5.81 -7.94 -29.95
N ILE B 82 6.95 -7.48 -30.46
CA ILE B 82 7.48 -6.20 -30.00
C ILE B 82 7.99 -5.34 -31.14
N THR B 83 8.13 -4.05 -30.85
CA THR B 83 8.81 -3.10 -31.73
C THR B 83 9.52 -2.07 -30.87
N TRP B 84 10.63 -1.54 -31.35
CA TRP B 84 11.43 -0.58 -30.61
C TRP B 84 11.20 0.84 -31.15
N ILE B 85 10.88 1.76 -30.24
CA ILE B 85 10.48 3.13 -30.56
C ILE B 85 11.49 4.08 -29.91
N GLU B 86 12.08 4.94 -30.73
CA GLU B 86 12.97 6.00 -30.22
C GLU B 86 12.19 7.16 -29.63
N GLY B 87 10.96 7.40 -30.11
CA GLY B 87 10.12 8.46 -29.61
C GLY B 87 9.94 9.63 -30.54
N LYS B 88 10.73 9.75 -31.59
CA LYS B 88 10.60 10.84 -32.54
C LYS B 88 10.07 10.36 -33.90
N GLU B 89 9.70 9.09 -34.01
CA GLU B 89 9.18 8.58 -35.28
C GLU B 89 7.82 9.19 -35.61
N PRO B 90 7.49 9.29 -36.89
CA PRO B 90 6.19 9.84 -37.26
C PRO B 90 5.08 8.96 -36.72
N GLY B 91 4.05 9.60 -36.17
CA GLY B 91 2.97 8.87 -35.57
C GLY B 91 3.24 8.40 -34.17
N CYS B 92 4.47 8.60 -33.66
CA CYS B 92 4.88 8.15 -32.34
C CYS B 92 5.15 9.32 -31.41
N GLU B 93 4.60 10.50 -31.71
CA GLU B 93 4.92 11.70 -30.95
C GLU B 93 4.47 11.54 -29.49
N THR B 94 3.27 11.00 -29.29
CA THR B 94 2.73 10.85 -27.94
C THR B 94 3.52 9.81 -27.13
N ILE B 95 4.04 8.78 -27.79
CA ILE B 95 4.94 7.85 -27.11
C ILE B 95 6.22 8.57 -26.70
N GLY B 96 6.74 9.44 -27.57
CA GLY B 96 7.89 10.25 -27.19
C GLY B 96 7.58 11.12 -25.99
N LEU B 97 6.36 11.62 -25.92
CA LEU B 97 5.94 12.42 -24.77
C LEU B 97 5.93 11.61 -23.48
N LEU B 98 5.42 10.38 -23.55
CA LEU B 98 5.46 9.49 -22.39
C LEU B 98 6.91 9.26 -21.95
N MET B 99 7.80 9.02 -22.91
CA MET B 99 9.20 8.80 -22.58
C MET B 99 9.80 10.03 -21.93
N SER B 100 9.40 11.22 -22.39
CA SER B 100 9.86 12.47 -21.79
C SER B 100 9.45 12.55 -20.33
N SER B 101 8.21 12.20 -20.04
CA SER B 101 7.71 12.27 -18.66
C SER B 101 8.43 11.26 -17.78
N MET B 102 8.64 10.05 -18.29
CA MET B 102 9.44 9.07 -17.57
C MET B 102 10.82 9.63 -17.25
N ASP B 103 11.45 10.23 -18.25
CA ASP B 103 12.78 10.80 -18.10
C ASP B 103 12.80 11.91 -17.06
N ASP B 104 11.78 12.78 -17.07
CA ASP B 104 11.72 13.86 -16.08
C ASP B 104 11.67 13.29 -14.68
N LEU B 105 10.84 12.25 -14.48
CA LEU B 105 10.74 11.64 -13.16
C LEU B 105 12.10 11.08 -12.72
N ILE B 106 12.72 10.25 -13.58
CA ILE B 106 13.96 9.60 -13.19
C ILE B 106 15.06 10.62 -12.93
N ARG B 107 15.12 11.65 -13.77
CA ARG B 107 16.12 12.69 -13.60
C ARG B 107 15.98 13.36 -12.25
N HIS B 108 14.73 13.61 -11.83
CA HIS B 108 14.51 14.18 -10.50
C HIS B 108 14.81 13.19 -9.39
N CYS B 109 14.91 11.90 -9.69
CA CYS B 109 15.35 10.95 -8.66
C CYS B 109 16.86 10.88 -8.52
N ASN B 110 17.61 11.70 -9.25
CA ASN B 110 19.06 11.56 -9.43
C ASN B 110 19.79 11.34 -8.12
N GLY B 111 20.47 10.20 -8.02
CA GLY B 111 21.31 9.89 -6.87
C GLY B 111 20.59 9.31 -5.69
N LYS B 112 19.27 9.35 -5.65
CA LYS B 112 18.50 8.87 -4.51
C LYS B 112 17.89 7.50 -4.72
N LEU B 113 18.08 6.89 -5.88
CA LEU B 113 17.60 5.54 -6.13
C LEU B 113 18.73 4.59 -5.76
N GLY B 114 18.67 4.00 -4.57
CA GLY B 114 19.75 3.14 -4.10
C GLY B 114 21.08 3.83 -4.23
N SER B 115 22.09 3.08 -4.67
CA SER B 115 23.41 3.62 -4.91
C SER B 115 23.65 3.91 -6.38
N TYR B 116 22.59 3.92 -7.19
CA TYR B 116 22.71 4.04 -8.62
C TYR B 116 22.87 5.50 -9.04
N LYS B 117 23.65 5.69 -10.12
CA LYS B 117 23.79 6.98 -10.80
C LYS B 117 23.31 6.77 -12.24
N ILE B 118 22.07 7.15 -12.51
CA ILE B 118 21.44 6.87 -13.80
C ILE B 118 21.86 7.92 -14.81
N ASN B 119 22.55 7.48 -15.88
CA ASN B 119 22.98 8.39 -16.94
C ASN B 119 22.38 8.07 -18.30
N GLY B 120 21.54 7.06 -18.42
CA GLY B 120 21.01 6.71 -19.73
C GLY B 120 19.86 5.73 -19.62
N ARG B 121 19.33 5.37 -20.79
CA ARG B 121 18.24 4.42 -20.87
C ARG B 121 18.21 3.79 -22.25
N THR B 122 17.43 2.72 -22.35
CA THR B 122 17.18 2.09 -23.64
C THR B 122 16.11 2.87 -24.40
N LYS B 123 15.89 2.47 -25.65
CA LYS B 123 14.69 2.92 -26.35
C LYS B 123 13.47 2.25 -25.73
N ALA B 124 12.30 2.64 -26.19
CA ALA B 124 11.05 2.08 -25.68
C ALA B 124 10.74 0.78 -26.40
N MET B 125 10.54 -0.30 -25.64
CA MET B 125 10.06 -1.55 -26.20
C MET B 125 8.55 -1.59 -26.07
N VAL B 126 7.86 -1.64 -27.20
CA VAL B 126 6.41 -1.72 -27.25
C VAL B 126 6.06 -3.18 -27.46
N ALA B 127 5.28 -3.74 -26.53
CA ALA B 127 4.99 -5.17 -26.52
C ALA B 127 3.49 -5.40 -26.65
N CYS B 128 3.15 -6.37 -27.50
CA CYS B 128 1.79 -6.81 -27.71
C CYS B 128 1.69 -8.29 -27.38
N TYR B 129 0.81 -8.62 -26.44
CA TYR B 129 0.48 -10.00 -26.11
C TYR B 129 -0.84 -10.35 -26.76
N PRO B 130 -0.85 -11.31 -27.68
CA PRO B 130 -2.02 -11.48 -28.57
C PRO B 130 -3.36 -11.71 -27.87
N GLY B 131 -3.39 -12.31 -26.69
CA GLY B 131 -4.66 -12.58 -26.04
C GLY B 131 -5.21 -13.97 -26.23
N ASN B 132 -4.35 -14.92 -26.57
CA ASN B 132 -4.71 -16.31 -26.76
C ASN B 132 -4.08 -17.18 -25.67
N GLY B 133 -4.01 -16.65 -24.45
CA GLY B 133 -3.30 -17.33 -23.38
C GLY B 133 -1.82 -17.07 -23.35
N THR B 134 -1.33 -16.09 -24.11
CA THR B 134 0.09 -15.79 -24.16
C THR B 134 0.53 -15.02 -22.92
N GLY B 135 1.73 -15.32 -22.46
CA GLY B 135 2.34 -14.64 -21.34
C GLY B 135 3.84 -14.52 -21.52
N TYR B 136 4.56 -14.36 -20.41
CA TYR B 136 6.01 -14.31 -20.39
C TYR B 136 6.45 -15.14 -19.18
N VAL B 137 7.34 -16.12 -19.39
CA VAL B 137 7.71 -16.96 -18.25
C VAL B 137 8.52 -16.16 -17.24
N ARG B 138 8.52 -16.63 -16.00
CA ARG B 138 9.27 -15.98 -14.94
C ARG B 138 10.73 -15.79 -15.34
N HIS B 139 11.24 -14.59 -15.09
CA HIS B 139 12.58 -14.23 -15.54
C HIS B 139 13.08 -13.06 -14.71
N VAL B 140 14.36 -12.79 -14.83
CA VAL B 140 14.99 -11.60 -14.28
C VAL B 140 15.48 -10.76 -15.45
N ASP B 141 15.11 -9.47 -15.46
CA ASP B 141 15.44 -8.62 -16.60
C ASP B 141 16.94 -8.51 -16.79
N ASN B 142 17.67 -8.17 -15.73
CA ASN B 142 19.12 -8.00 -15.81
C ASN B 142 19.73 -8.89 -14.73
N PRO B 143 19.99 -10.15 -15.04
CA PRO B 143 20.62 -11.04 -14.05
C PRO B 143 22.14 -11.02 -14.08
N ASN B 144 22.76 -10.46 -15.12
CA ASN B 144 24.20 -10.56 -15.32
C ASN B 144 24.89 -9.19 -15.40
N GLY B 145 24.40 -8.20 -14.65
CA GLY B 145 25.05 -6.90 -14.63
C GLY B 145 25.31 -6.22 -15.97
N ASP B 146 24.28 -6.14 -16.82
CA ASP B 146 24.43 -5.50 -18.12
C ASP B 146 24.19 -3.99 -18.09
N GLY B 147 23.99 -3.41 -16.91
CA GLY B 147 23.85 -1.98 -16.75
C GLY B 147 22.45 -1.50 -16.44
N ARG B 148 21.43 -2.33 -16.61
CA ARG B 148 20.06 -1.92 -16.37
C ARG B 148 19.74 -2.01 -14.88
N CYS B 149 19.41 -0.88 -14.28
CA CYS B 149 19.07 -0.82 -12.87
C CYS B 149 17.58 -0.61 -12.59
N VAL B 150 16.86 0.11 -13.43
CA VAL B 150 15.44 0.39 -13.21
C VAL B 150 14.63 0.03 -14.46
N THR B 151 13.54 -0.69 -14.26
CA THR B 151 12.59 -1.06 -15.29
C THR B 151 11.35 -0.17 -15.14
N CYS B 152 10.93 0.45 -16.24
CA CYS B 152 9.80 1.36 -16.27
C CYS B 152 8.80 0.87 -17.29
N ILE B 153 7.57 0.61 -16.85
CA ILE B 153 6.53 0.11 -17.74
C ILE B 153 5.33 1.04 -17.68
N TYR B 154 4.79 1.37 -18.85
CA TYR B 154 3.54 2.12 -18.95
C TYR B 154 2.52 1.21 -19.60
N TYR B 155 1.31 1.18 -19.02
CA TYR B 155 0.23 0.33 -19.49
C TYR B 155 -0.88 1.19 -20.06
N LEU B 156 -1.38 0.77 -21.24
CA LEU B 156 -2.34 1.58 -21.99
C LEU B 156 -3.58 0.77 -22.34
N ASN B 157 -3.97 -0.19 -21.51
CA ASN B 157 -5.07 -1.10 -21.86
C ASN B 157 -6.37 -0.59 -21.25
N LYS B 158 -7.19 0.07 -22.06
CA LYS B 158 -8.43 0.73 -21.60
C LYS B 158 -9.41 -0.33 -21.07
N ASP B 159 -9.98 -0.07 -19.91
CA ASP B 159 -11.00 -0.91 -19.27
C ASP B 159 -10.56 -2.36 -19.15
N TRP B 160 -9.30 -2.56 -18.75
CA TRP B 160 -8.78 -3.91 -18.60
C TRP B 160 -9.26 -4.48 -17.28
N ASP B 161 -9.95 -5.62 -17.35
CA ASP B 161 -10.45 -6.33 -16.18
C ASP B 161 -9.67 -7.65 -16.09
N ALA B 162 -8.70 -7.72 -15.17
CA ALA B 162 -7.83 -8.87 -15.09
C ALA B 162 -8.60 -10.14 -14.72
N LYS B 163 -9.72 -9.99 -14.02
CA LYS B 163 -10.52 -11.17 -13.64
C LYS B 163 -10.99 -11.93 -14.87
N VAL B 164 -11.17 -11.22 -15.98
CA VAL B 164 -11.65 -11.82 -17.22
C VAL B 164 -10.50 -12.02 -18.21
N SER B 165 -9.65 -11.02 -18.38
CA SER B 165 -8.60 -11.04 -19.37
C SER B 165 -7.25 -11.48 -18.85
N GLY B 166 -7.08 -11.58 -17.53
CA GLY B 166 -5.79 -12.02 -17.00
C GLY B 166 -4.68 -11.04 -17.28
N GLY B 167 -3.54 -11.55 -17.72
CA GLY B 167 -2.43 -10.70 -18.08
C GLY B 167 -1.80 -9.95 -16.93
N ILE B 168 -1.93 -10.49 -15.71
CA ILE B 168 -1.31 -9.84 -14.56
C ILE B 168 0.20 -10.01 -14.62
N LEU B 169 0.93 -8.93 -14.31
CA LEU B 169 2.37 -9.02 -14.11
C LEU B 169 2.56 -9.36 -12.64
N ARG B 170 3.10 -10.55 -12.35
CA ARG B 170 3.37 -10.94 -10.98
C ARG B 170 4.86 -10.83 -10.73
N ILE B 171 5.24 -10.06 -9.73
CA ILE B 171 6.63 -9.86 -9.33
C ILE B 171 6.84 -10.56 -8.00
N PHE B 172 7.96 -11.26 -7.87
CA PHE B 172 8.31 -11.97 -6.65
C PHE B 172 9.49 -11.27 -6.00
N PRO B 173 9.26 -10.17 -5.29
CA PRO B 173 10.40 -9.43 -4.70
C PRO B 173 11.15 -10.30 -3.71
N GLU B 174 12.48 -10.18 -3.74
CA GLU B 174 13.33 -10.98 -2.89
C GLU B 174 13.02 -10.74 -1.42
N GLY B 175 12.84 -11.83 -0.67
CA GLY B 175 12.76 -11.68 0.76
C GLY B 175 11.59 -10.87 1.26
N LYS B 176 10.43 -11.00 0.62
CA LYS B 176 9.26 -10.22 1.01
C LYS B 176 8.12 -11.14 1.44
N ALA B 177 7.18 -10.55 2.18
CA ALA B 177 6.08 -11.32 2.76
C ALA B 177 5.15 -11.87 1.70
N GLN B 178 4.86 -11.09 0.67
CA GLN B 178 3.94 -11.47 -0.38
C GLN B 178 4.57 -11.19 -1.75
N PHE B 179 3.93 -11.70 -2.80
CA PHE B 179 4.29 -11.31 -4.16
C PHE B 179 3.42 -10.11 -4.55
N ALA B 180 3.80 -9.45 -5.63
CA ALA B 180 3.13 -8.24 -6.08
C ALA B 180 2.39 -8.49 -7.40
N ASP B 181 1.07 -8.35 -7.36
CA ASP B 181 0.23 -8.53 -8.54
C ASP B 181 -0.10 -7.16 -9.11
N ILE B 182 0.36 -6.91 -10.33
CA ILE B 182 0.18 -5.62 -11.00
C ILE B 182 -0.64 -5.84 -12.26
N GLU B 183 -1.92 -5.39 -12.19
CA GLU B 183 -2.79 -5.42 -13.34
C GLU B 183 -2.28 -4.43 -14.40
N PRO B 184 -2.36 -4.76 -15.68
CA PRO B 184 -1.92 -3.79 -16.70
C PRO B 184 -2.98 -2.72 -16.94
N LYS B 185 -3.30 -1.97 -15.89
CA LYS B 185 -4.37 -0.99 -15.95
C LYS B 185 -4.01 0.17 -16.86
N PHE B 186 -5.05 0.80 -17.41
CA PHE B 186 -4.91 1.95 -18.29
C PHE B 186 -4.23 3.10 -17.56
N ASP B 187 -3.25 3.72 -18.20
CA ASP B 187 -2.56 4.89 -17.68
C ASP B 187 -1.79 4.58 -16.41
N ARG B 188 -1.28 3.36 -16.29
CA ARG B 188 -0.53 2.94 -15.12
C ARG B 188 0.96 2.94 -15.43
N LEU B 189 1.74 3.54 -14.53
CA LEU B 189 3.20 3.56 -14.63
C LEU B 189 3.77 2.71 -13.51
N LEU B 190 4.74 1.86 -13.84
CA LEU B 190 5.33 0.90 -12.91
C LEU B 190 6.84 1.05 -12.95
N PHE B 191 7.47 0.99 -11.78
CA PHE B 191 8.92 1.01 -11.64
C PHE B 191 9.36 -0.17 -10.79
N PHE B 192 10.45 -0.84 -11.17
CA PHE B 192 11.03 -1.84 -10.27
C PHE B 192 12.50 -2.08 -10.61
N TRP B 193 13.29 -2.44 -9.59
CA TRP B 193 14.68 -2.79 -9.82
C TRP B 193 14.75 -3.91 -10.87
N SER B 194 15.66 -3.77 -11.83
CA SER B 194 15.73 -4.71 -12.94
C SER B 194 16.50 -5.97 -12.59
N ASP B 195 17.20 -6.00 -11.46
CA ASP B 195 18.16 -7.05 -11.18
C ASP B 195 17.48 -8.22 -10.47
N ARG B 196 18.26 -9.12 -9.91
CA ARG B 196 17.73 -10.37 -9.41
C ARG B 196 16.73 -10.20 -8.28
N ARG B 197 16.65 -9.02 -7.70
CA ARG B 197 15.71 -8.78 -6.62
C ARG B 197 14.27 -8.95 -7.06
N ASN B 198 13.98 -8.80 -8.36
CA ASN B 198 12.61 -8.81 -8.85
C ASN B 198 12.40 -9.78 -10.00
N PRO B 199 12.43 -11.09 -9.74
CA PRO B 199 11.91 -12.03 -10.74
C PRO B 199 10.44 -11.74 -10.98
N HIS B 200 9.99 -11.91 -12.22
CA HIS B 200 8.60 -11.59 -12.53
C HIS B 200 8.17 -12.40 -13.73
N GLU B 201 6.86 -12.52 -13.88
CA GLU B 201 6.27 -13.23 -15.00
C GLU B 201 5.01 -12.47 -15.41
N VAL B 202 4.62 -12.63 -16.67
CA VAL B 202 3.35 -12.11 -17.16
C VAL B 202 2.41 -13.30 -17.28
N GLN B 203 1.32 -13.27 -16.53
CA GLN B 203 0.36 -14.36 -16.55
C GLN B 203 -0.41 -14.34 -17.86
N PRO B 204 -1.02 -15.46 -18.24
CA PRO B 204 -1.61 -15.57 -19.58
C PRO B 204 -2.60 -14.44 -19.85
N ALA B 205 -2.58 -13.95 -21.08
CA ALA B 205 -3.46 -12.87 -21.50
C ALA B 205 -4.56 -13.43 -22.40
N TYR B 206 -5.81 -13.12 -22.07
CA TYR B 206 -6.96 -13.57 -22.82
C TYR B 206 -7.63 -12.42 -23.54
N ALA B 207 -6.99 -11.26 -23.54
CA ALA B 207 -7.34 -10.13 -24.37
C ALA B 207 -6.03 -9.50 -24.84
N THR B 208 -6.11 -8.75 -25.94
CA THR B 208 -4.91 -8.11 -26.47
C THR B 208 -4.34 -7.14 -25.45
N ARG B 209 -3.08 -7.34 -25.08
CA ARG B 209 -2.45 -6.60 -23.99
C ARG B 209 -1.23 -5.84 -24.50
N TYR B 210 -1.16 -4.54 -24.21
CA TYR B 210 -0.07 -3.70 -24.69
C TYR B 210 0.69 -3.11 -23.51
N ALA B 211 2.02 -3.02 -23.65
CA ALA B 211 2.85 -2.38 -22.63
C ALA B 211 4.05 -1.70 -23.28
N ILE B 212 4.50 -0.61 -22.67
CA ILE B 212 5.69 0.12 -23.13
C ILE B 212 6.71 0.11 -22.01
N THR B 213 7.90 -0.40 -22.31
CA THR B 213 8.96 -0.57 -21.32
C THR B 213 10.23 0.16 -21.74
N VAL B 214 10.79 0.93 -20.82
CA VAL B 214 12.14 1.46 -20.99
C VAL B 214 12.94 1.00 -19.79
N TRP B 215 14.25 0.81 -20.01
CA TRP B 215 15.20 0.41 -18.98
C TRP B 215 16.23 1.52 -18.79
N TYR B 216 16.44 1.91 -17.54
CA TYR B 216 17.40 2.94 -17.20
C TYR B 216 18.71 2.31 -16.76
N PHE B 217 19.82 2.98 -17.10
CA PHE B 217 21.16 2.45 -16.93
C PHE B 217 21.82 3.05 -15.70
N ASP B 218 22.53 2.22 -14.93
CA ASP B 218 23.46 2.74 -13.95
C ASP B 218 24.78 3.00 -14.65
N ALA B 219 25.34 4.20 -14.45
CA ALA B 219 26.52 4.61 -15.22
C ALA B 219 27.68 3.62 -15.04
N ASP B 220 28.02 3.32 -13.79
CA ASP B 220 29.20 2.50 -13.51
C ASP B 220 29.02 1.06 -14.00
N GLU B 221 27.85 0.47 -13.75
CA GLU B 221 27.60 -0.89 -14.24
C GLU B 221 27.56 -0.93 -15.77
N ARG B 222 26.93 0.06 -16.40
CA ARG B 222 26.88 0.09 -17.85
C ARG B 222 28.28 0.25 -18.45
N ALA B 223 29.11 1.11 -17.87
CA ALA B 223 30.47 1.28 -18.36
C ALA B 223 31.28 0.00 -18.19
N ARG B 224 31.16 -0.65 -17.02
CA ARG B 224 31.84 -1.95 -16.85
C ARG B 224 31.39 -2.95 -17.90
N ALA B 225 30.08 -3.03 -18.14
CA ALA B 225 29.59 -3.97 -19.13
C ALA B 225 30.11 -3.62 -20.53
N LYS B 226 30.07 -2.34 -20.88
CA LYS B 226 30.58 -1.91 -22.18
C LYS B 226 32.03 -2.33 -22.36
N VAL B 227 32.86 -2.07 -21.35
CA VAL B 227 34.28 -2.42 -21.44
C VAL B 227 34.45 -3.92 -21.57
N LYS B 228 33.69 -4.71 -20.82
CA LYS B 228 33.83 -6.16 -20.96
C LYS B 228 33.45 -6.60 -22.37
N TYR B 229 32.41 -6.01 -22.94
CA TYR B 229 31.95 -6.39 -24.26
C TYR B 229 32.93 -6.02 -25.35
N LEU B 230 33.58 -4.87 -25.24
CA LEU B 230 34.44 -4.37 -26.30
C LEU B 230 35.88 -4.89 -26.27
N THR B 231 36.30 -5.57 -25.22
CA THR B 231 37.69 -6.02 -25.12
C THR B 231 37.80 -7.49 -25.48
N GLY B 232 38.90 -7.85 -26.14
CA GLY B 232 39.09 -9.21 -26.62
C GLY B 232 40.30 -9.90 -26.04
C02 LUW C . -0.10 -0.53 23.32
C03 LUW C . -0.80 -1.48 22.36
C04 LUW C . -1.98 -2.13 22.71
C06 LUW C . -1.99 -3.22 20.69
C09 LUW C . -4.15 -5.53 19.02
C10 LUW C . -3.09 -5.44 18.14
C11 LUW C . -2.16 -4.58 18.66
C13 LUW C . -0.26 -1.79 21.12
C16 LUW C . 1.72 1.05 23.87
C17 LUW C . 1.11 2.43 24.03
C18 LUW C . 1.76 3.33 24.84
C19 LUW C . 1.23 4.60 25.00
C20 LUW C . -0.07 2.75 23.40
C21 LUW C . -0.60 4.02 23.57
C22 LUW C . 0.05 4.94 24.38
C24 LUW C . -0.27 6.82 25.76
C25 LUW C . 0.32 8.06 25.78
C26 LUW C . 0.56 8.69 26.99
C27 LUW C . 0.19 8.08 28.18
C28 LUW C . -0.41 6.82 28.16
C29 LUW C . -0.64 6.20 26.94
N05 LUW C . -2.54 -2.97 21.86
N07 LUW C . -2.65 -4.16 19.81
N08 LUW C . -3.87 -4.73 20.06
N12 LUW C . -0.87 -2.64 20.30
N15 LUW C . 1.05 0.22 22.89
O01 LUW C . -0.48 -0.42 24.43
O14 LUW C . 0.93 -1.18 20.71
O23 LUW C . -0.51 6.22 24.52
H041 LUW C . -2.36 -1.98 23.54
H091 LUW C . -4.93 -6.04 18.92
H101 LUW C . -3.01 -5.90 17.33
H111 LUW C . -1.35 -4.33 18.28
H162 LUW C . 2.64 1.16 23.60
H161 LUW C . 1.70 0.60 24.73
H181 LUW C . 2.56 3.11 25.26
H191 LUW C . 1.67 5.23 25.54
H201 LUW C . -0.50 2.13 22.86
H211 LUW C . -1.40 4.25 23.15
H251 LUW C . 0.57 8.47 24.99
H261 LUW C . 0.96 9.53 27.00
H271 LUW C . 0.35 8.50 28.98
H281 LUW C . -0.65 6.41 28.96
H291 LUW C . -1.06 5.36 26.92
H151 LUW C . 1.34 0.16 22.09
H141 LUW C . 1.56 -1.41 21.23
C FMT D . -5.99 -4.45 15.91
O1 FMT D . -6.79 -5.36 15.77
O2 FMT D . -4.91 -4.45 15.36
H FMT D . -6.24 -3.61 16.56
MN MN E . -4.18 -4.12 22.19
MN MN F . 10.77 -8.51 -17.71
C02 LUW G . 14.69 -8.17 -21.72
C03 LUW G . 13.24 -8.24 -21.27
C04 LUW G . 12.93 -8.33 -19.93
C06 LUW G . 10.70 -8.42 -20.42
C09 LUW G . 7.69 -8.60 -18.51
C10 LUW G . 7.19 -8.74 -19.80
C11 LUW G . 8.27 -8.69 -20.66
C13 LUW G . 12.17 -8.30 -22.17
C16 LUW G . 16.42 -7.95 -23.53
C17 LUW G . 17.08 -6.59 -23.59
C18 LUW G . 18.39 -6.51 -24.00
C19 LUW G . 19.04 -5.28 -24.07
C20 LUW G . 16.39 -5.44 -23.25
C21 LUW G . 17.03 -4.21 -23.31
C22 LUW G . 18.35 -4.13 -23.72
C24 LUW G . 20.31 -2.85 -23.37
C25 LUW G . 21.23 -2.27 -24.22
C26 LUW G . 22.57 -2.19 -23.85
C27 LUW G . 22.97 -2.69 -22.62
C28 LUW G . 22.04 -3.27 -21.77
C29 LUW G . 20.70 -3.34 -22.14
N05 LUW G . 11.66 -8.40 -19.54
N07 LUW G . 9.34 -8.52 -19.92
N08 LUW G . 9.02 -8.48 -18.60
N12 LUW G . 10.93 -8.38 -21.73
N15 LUW G . 15.03 -7.97 -23.12
O01 LUW G . 15.54 -8.30 -20.91
O14 LUW G . 12.39 -8.23 -23.54
O23 LUW G . 18.96 -2.88 -23.78
H041 LUW G . 13.61 -8.33 -19.30
H091 LUW G . 7.20 -8.59 -17.74
H101 LUW G . 6.30 -8.86 -20.05
H111 LUW G . 8.23 -8.76 -21.59
H162 LUW G . 16.49 -8.36 -24.41
H161 LUW G . 16.92 -8.50 -22.89
H181 LUW G . 18.85 -7.29 -24.22
H191 LUW G . 19.91 -5.23 -24.35
H201 LUW G . 15.50 -5.49 -22.97
H211 LUW G . 16.56 -3.44 -23.08
H251 LUW G . 20.96 -1.93 -25.04
H261 LUW G . 23.19 -1.80 -24.42
H271 LUW G . 23.86 -2.65 -22.37
H281 LUW G . 22.30 -3.62 -20.95
H291 LUW G . 20.07 -3.71 -21.56
H151 LUW G . 14.40 -7.86 -23.70
H141 LUW G . 12.34 -7.43 -23.80
C FMT H . 4.65 -5.97 -18.72
O1 FMT H . 4.55 -6.70 -19.71
O2 FMT H . 3.92 -6.07 -17.74
H FMT H . 5.39 -5.16 -18.77
#